data_1QET
#
_entry.id   1QET
#
_cell.length_a   1.000
_cell.length_b   1.000
_cell.length_c   1.000
_cell.angle_alpha   90.00
_cell.angle_beta   90.00
_cell.angle_gamma   90.00
#
_symmetry.space_group_name_H-M   'P 1'
#
_entity_poly.entity_id   1
_entity_poly.type   'polyribonucleotide'
_entity_poly.pdbx_seq_one_letter_code
;GGAUGUCC
;
_entity_poly.pdbx_strand_id   A,B
#